data_4UIE
#
_entry.id   4UIE
#
_cell.length_a   69.831
_cell.length_b   69.831
_cell.length_c   196.018
_cell.angle_alpha   90.00
_cell.angle_beta   90.00
_cell.angle_gamma   120.00
#
_symmetry.space_group_name_H-M   'P 31 2 1'
#
loop_
_entity.id
_entity.type
_entity.pdbx_description
1 polymer 'SURFACE LAYER PROTEIN'
2 non-polymer 'OSMIUM ION'
3 non-polymer 'CALCIUM ION'
4 water water
#
_entity_poly.entity_id   1
_entity_poly.type   'polypeptide(L)'
_entity_poly.pdbx_seq_one_letter_code
;EVIDTTLKATVVTKKADLIELDAADNGDALAKLLANLDIKDQNGNPMVDSAATPNTNEKLQALKSVLSGIVSSDTSVIGS
VSNVDNLKDDASISGLAVKKAGTVTLTLVFNEDSKIAPIAITVKAPAATQDGVTVTGLDLVPGVTGVGKTKFTATDKIKS
GHKLYYAVDDSAVPAPAVGTTRNSTKFANEITVGTTEVAANAGQIITVIEVDSSDRVVGYKTFTVEAADLSVAADKTGFT
ATVTPTGGNQVTTGKTLLAVSDLANGHKLYAAAAGSSAAAAPVKGIAYTDTTVRTTYGTEVTSGTVEVDAQDGQHISIIE
VDENGKVVGYKDYTITGIQIGTKSAS
;
_entity_poly.pdbx_strand_id   A
#
loop_
_chem_comp.id
_chem_comp.type
_chem_comp.name
_chem_comp.formula
CA non-polymer 'CALCIUM ION' 'Ca 2'
OS non-polymer 'OSMIUM ION' 'Os 3'
#
# COMPACT_ATOMS: atom_id res chain seq x y z
N THR A 6 -34.62 16.57 35.97
CA THR A 6 -35.09 17.76 36.76
C THR A 6 -35.09 19.03 35.90
N LEU A 7 -33.99 19.25 35.17
CA LEU A 7 -33.89 20.35 34.21
C LEU A 7 -34.29 19.84 32.82
N LYS A 8 -35.24 20.55 32.19
CA LYS A 8 -35.78 20.14 30.89
C LYS A 8 -35.28 21.05 29.75
N ALA A 9 -34.82 20.43 28.66
CA ALA A 9 -34.34 21.13 27.47
C ALA A 9 -35.47 21.84 26.75
N THR A 10 -35.37 23.16 26.65
CA THR A 10 -36.46 23.99 26.11
C THR A 10 -36.12 24.64 24.77
N VAL A 11 -34.92 25.20 24.66
CA VAL A 11 -34.48 25.87 23.43
C VAL A 11 -33.31 25.11 22.80
N VAL A 12 -33.43 24.80 21.51
CA VAL A 12 -32.33 24.23 20.72
C VAL A 12 -32.14 25.08 19.45
N THR A 13 -30.91 25.57 19.25
CA THR A 13 -30.55 26.30 18.04
C THR A 13 -29.20 25.87 17.48
N LYS A 14 -29.08 25.85 16.15
CA LYS A 14 -27.80 25.63 15.48
C LYS A 14 -26.94 26.89 15.47
N LYS A 15 -25.63 26.69 15.42
CA LYS A 15 -24.68 27.80 15.34
C LYS A 15 -24.36 28.08 13.87
N ALA A 16 -23.88 27.05 13.16
CA ALA A 16 -23.54 27.16 11.74
C ALA A 16 -24.41 26.22 10.91
N ASP A 17 -24.59 26.58 9.63
CA ASP A 17 -25.33 25.77 8.67
C ASP A 17 -24.50 24.57 8.20
N LEU A 18 -23.18 24.70 8.30
CA LEU A 18 -22.23 23.67 7.86
C LEU A 18 -21.22 23.31 8.94
N ILE A 19 -20.94 22.02 9.07
CA ILE A 19 -19.74 21.55 9.79
C ILE A 19 -18.94 20.59 8.92
N GLU A 20 -17.62 20.75 8.92
CA GLU A 20 -16.72 19.86 8.18
C GLU A 20 -15.93 18.98 9.14
N LEU A 21 -15.86 17.70 8.83
CA LEU A 21 -15.14 16.74 9.65
C LEU A 21 -13.66 16.67 9.29
N ASP A 22 -12.86 16.18 10.24
CA ASP A 22 -11.45 15.90 10.02
C ASP A 22 -11.08 14.55 10.62
N ALA A 23 -9.79 14.20 10.60
CA ALA A 23 -9.31 12.95 11.18
C ALA A 23 -9.63 12.85 12.67
N ALA A 24 -9.44 13.97 13.39
CA ALA A 24 -9.69 14.06 14.83
C ALA A 24 -11.14 13.70 15.22
N ASP A 25 -12.08 13.97 14.31
CA ASP A 25 -13.49 13.61 14.48
C ASP A 25 -13.75 12.10 14.44
N ASN A 26 -12.70 11.33 14.09
CA ASN A 26 -12.69 9.87 14.09
C ASN A 26 -13.83 9.18 13.31
N GLY A 27 -14.25 9.82 12.22
CA GLY A 27 -15.30 9.31 11.34
C GLY A 27 -16.68 9.19 11.95
N ASP A 28 -17.05 10.17 12.78
CA ASP A 28 -18.37 10.21 13.43
C ASP A 28 -18.77 11.66 13.75
N ALA A 29 -19.92 12.06 13.21
CA ALA A 29 -20.34 13.47 13.20
C ALA A 29 -20.97 14.00 14.50
N LEU A 30 -21.34 13.12 15.43
CA LEU A 30 -22.12 13.52 16.61
C LEU A 30 -21.44 14.56 17.50
N ALA A 31 -20.15 14.36 17.75
CA ALA A 31 -19.35 15.30 18.55
C ALA A 31 -19.39 16.71 17.96
N LYS A 32 -19.16 16.81 16.64
CA LYS A 32 -19.19 18.10 15.96
C LYS A 32 -20.60 18.66 15.76
N LEU A 33 -21.60 17.78 15.68
CA LEU A 33 -23.00 18.20 15.62
C LEU A 33 -23.42 18.81 16.95
N LEU A 34 -23.02 18.17 18.05
CA LEU A 34 -23.26 18.69 19.39
C LEU A 34 -22.63 20.06 19.58
N ALA A 35 -21.35 20.19 19.23
CA ALA A 35 -20.62 21.45 19.32
C ALA A 35 -21.29 22.56 18.51
N ASN A 36 -22.03 22.17 17.48
CA ASN A 36 -22.76 23.10 16.60
C ASN A 36 -24.14 23.48 17.12
N LEU A 37 -24.60 22.81 18.18
CA LEU A 37 -25.89 23.09 18.78
C LEU A 37 -25.77 23.78 20.14
N ASP A 38 -26.68 24.71 20.41
CA ASP A 38 -26.85 25.32 21.73
C ASP A 38 -28.16 24.85 22.35
N ILE A 39 -28.09 24.32 23.56
CA ILE A 39 -29.28 23.87 24.29
C ILE A 39 -29.49 24.70 25.57
N LYS A 40 -30.70 25.23 25.71
CA LYS A 40 -31.09 25.98 26.89
C LYS A 40 -32.27 25.31 27.58
N ASP A 41 -32.26 25.34 28.92
CA ASP A 41 -33.33 24.78 29.74
C ASP A 41 -34.54 25.72 29.93
N GLN A 42 -35.38 25.45 30.93
CA GLN A 42 -36.54 26.29 31.28
C GLN A 42 -36.10 27.70 31.69
N ASN A 43 -34.96 27.75 32.38
CA ASN A 43 -34.39 28.99 32.89
C ASN A 43 -33.68 29.81 31.82
N GLY A 44 -33.44 29.20 30.66
CA GLY A 44 -32.65 29.81 29.60
C GLY A 44 -31.17 29.63 29.86
N ASN A 45 -30.82 28.85 30.89
CA ASN A 45 -29.44 28.51 31.21
C ASN A 45 -28.92 27.45 30.24
N PRO A 46 -27.63 27.56 29.84
CA PRO A 46 -27.02 26.57 28.96
C PRO A 46 -26.96 25.16 29.55
N MET A 47 -27.16 24.18 28.68
CA MET A 47 -27.09 22.75 29.03
C MET A 47 -25.79 22.17 28.46
N VAL A 48 -24.83 21.99 29.35
CA VAL A 48 -23.43 21.74 29.01
C VAL A 48 -22.99 20.47 29.74
N ASP A 49 -22.20 19.65 29.03
CA ASP A 49 -21.54 18.48 29.61
C ASP A 49 -20.49 18.94 30.62
N SER A 50 -20.80 18.76 31.90
CA SER A 50 -19.92 19.13 33.00
C SER A 50 -18.94 18.00 33.33
N ALA A 51 -17.65 18.35 33.40
CA ALA A 51 -16.58 17.37 33.66
C ALA A 51 -16.60 16.79 35.08
N ALA A 52 -17.37 17.43 35.96
CA ALA A 52 -17.64 16.93 37.31
C ALA A 52 -18.57 15.70 37.30
N THR A 53 -19.31 15.54 36.20
CA THR A 53 -20.13 14.34 35.96
C THR A 53 -19.62 13.64 34.68
N PRO A 54 -18.50 12.89 34.80
CA PRO A 54 -17.74 12.43 33.62
C PRO A 54 -18.42 11.35 32.77
N ASN A 55 -19.14 10.43 33.42
CA ASN A 55 -19.79 9.32 32.71
C ASN A 55 -21.26 9.57 32.30
N THR A 56 -21.74 10.78 32.53
CA THR A 56 -23.02 11.24 32.02
C THR A 56 -22.91 12.62 31.36
N ASN A 57 -23.14 12.64 30.05
CA ASN A 57 -23.17 13.87 29.25
C ASN A 57 -24.54 14.53 29.40
N GLU A 58 -24.55 15.73 29.98
CA GLU A 58 -25.80 16.50 30.16
C GLU A 58 -26.35 16.98 28.83
N LYS A 59 -25.47 17.51 27.98
CA LYS A 59 -25.85 18.10 26.70
C LYS A 59 -26.49 17.08 25.75
N LEU A 60 -25.84 15.93 25.58
CA LEU A 60 -26.34 14.88 24.70
C LEU A 60 -27.66 14.32 25.21
N GLN A 61 -27.72 14.06 26.51
CA GLN A 61 -28.93 13.60 27.20
C GLN A 61 -30.06 14.62 27.05
N ALA A 62 -29.72 15.90 27.14
CA ALA A 62 -30.68 17.00 26.95
C ALA A 62 -31.26 16.97 25.54
N LEU A 63 -30.39 16.81 24.54
CA LEU A 63 -30.81 16.67 23.14
C LEU A 63 -31.69 15.44 22.94
N LYS A 64 -31.25 14.29 23.47
CA LYS A 64 -31.99 13.03 23.32
C LYS A 64 -33.40 13.08 23.89
N SER A 65 -33.60 13.90 24.93
CA SER A 65 -34.89 14.04 25.59
C SER A 65 -35.93 14.79 24.75
N VAL A 66 -35.45 15.58 23.78
CA VAL A 66 -36.31 16.37 22.89
C VAL A 66 -36.28 15.95 21.42
N LEU A 67 -35.36 15.05 21.06
CA LEU A 67 -35.14 14.65 19.67
C LEU A 67 -35.98 13.43 19.29
N SER A 68 -36.71 13.54 18.19
CA SER A 68 -37.51 12.43 17.65
C SER A 68 -36.76 11.64 16.59
N GLY A 69 -35.72 12.23 16.02
CA GLY A 69 -34.90 11.58 15.00
C GLY A 69 -34.00 12.53 14.22
N ILE A 70 -33.04 11.94 13.50
CA ILE A 70 -32.18 12.67 12.57
C ILE A 70 -32.30 12.01 11.18
N VAL A 71 -32.68 12.81 10.19
CA VAL A 71 -32.79 12.34 8.81
C VAL A 71 -31.55 12.77 8.05
N SER A 72 -30.95 11.83 7.33
CA SER A 72 -29.88 12.12 6.39
C SER A 72 -30.44 12.22 4.98
N SER A 73 -29.87 13.13 4.20
CA SER A 73 -30.20 13.28 2.78
C SER A 73 -29.64 12.13 1.94
N ASP A 74 -28.58 11.49 2.45
CA ASP A 74 -27.98 10.33 1.80
C ASP A 74 -27.56 9.29 2.84
N THR A 75 -28.36 8.23 2.92
CA THR A 75 -28.21 7.15 3.91
C THR A 75 -26.91 6.37 3.75
N SER A 76 -26.29 6.48 2.58
CA SER A 76 -25.03 5.81 2.26
C SER A 76 -23.81 6.61 2.73
N VAL A 77 -24.00 7.90 3.02
CA VAL A 77 -22.91 8.75 3.50
C VAL A 77 -22.89 8.73 5.04
N ILE A 78 -24.03 9.11 5.63
CA ILE A 78 -24.26 9.02 7.07
C ILE A 78 -25.65 8.42 7.25
N GLY A 79 -25.74 7.33 8.02
CA GLY A 79 -27.00 6.65 8.28
C GLY A 79 -27.92 7.53 9.11
N SER A 80 -29.22 7.48 8.79
CA SER A 80 -30.25 8.22 9.53
C SER A 80 -30.53 7.58 10.88
N VAL A 81 -30.71 8.41 11.89
CA VAL A 81 -31.02 7.95 13.26
C VAL A 81 -32.54 7.98 13.48
N SER A 82 -33.11 6.79 13.66
CA SER A 82 -34.56 6.66 13.91
C SER A 82 -34.84 6.35 15.38
N ASN A 83 -34.04 5.47 15.98
CA ASN A 83 -34.03 5.30 17.43
C ASN A 83 -32.95 6.16 18.05
N VAL A 84 -33.40 7.17 18.81
CA VAL A 84 -32.54 8.22 19.37
C VAL A 84 -31.50 7.70 20.37
N ASP A 85 -31.79 6.57 21.02
CA ASP A 85 -30.89 5.96 22.01
C ASP A 85 -29.58 5.41 21.43
N ASN A 86 -29.46 5.40 20.11
CA ASN A 86 -28.23 5.02 19.43
C ASN A 86 -27.13 6.08 19.54
N LEU A 87 -27.53 7.32 19.84
CA LEU A 87 -26.60 8.39 20.18
C LEU A 87 -26.19 8.18 21.64
N LYS A 88 -24.88 8.12 21.88
CA LYS A 88 -24.30 7.64 23.15
C LYS A 88 -22.99 8.36 23.52
N ASP A 89 -22.66 8.36 24.83
CA ASP A 89 -21.35 8.84 25.31
C ASP A 89 -20.64 7.84 26.25
N ASP A 90 -20.80 6.55 25.95
CA ASP A 90 -20.01 5.49 26.56
C ASP A 90 -18.65 5.51 25.86
N ALA A 91 -17.58 5.73 26.63
CA ALA A 91 -16.18 5.88 26.14
C ALA A 91 -15.95 7.11 25.24
N SER A 92 -16.70 7.20 24.14
CA SER A 92 -16.64 8.31 23.20
C SER A 92 -18.04 8.71 22.71
N ILE A 93 -18.13 9.84 22.01
CA ILE A 93 -19.39 10.32 21.44
C ILE A 93 -19.63 9.68 20.06
N SER A 94 -20.75 8.96 19.95
CA SER A 94 -21.19 8.26 18.72
C SER A 94 -22.71 7.99 18.83
N GLY A 95 -23.45 7.78 17.74
CA GLY A 95 -22.93 7.58 16.40
C GLY A 95 -23.75 8.10 15.24
N LEU A 96 -23.33 9.25 14.72
CA LEU A 96 -23.64 9.63 13.35
C LEU A 96 -22.43 9.14 12.54
N ALA A 97 -22.41 7.81 12.36
CA ALA A 97 -21.29 7.09 11.75
C ALA A 97 -21.14 7.42 10.26
N VAL A 98 -19.90 7.72 9.87
CA VAL A 98 -19.57 8.02 8.48
C VAL A 98 -19.25 6.71 7.76
N LYS A 99 -20.04 6.43 6.71
CA LYS A 99 -19.93 5.19 5.94
C LYS A 99 -19.04 5.35 4.71
N LYS A 100 -18.99 6.57 4.19
CA LYS A 100 -18.38 6.91 2.91
C LYS A 100 -18.13 8.41 2.90
N ALA A 101 -17.10 8.84 2.16
CA ALA A 101 -16.83 10.27 1.95
C ALA A 101 -17.98 10.92 1.18
N GLY A 102 -18.33 12.14 1.58
CA GLY A 102 -19.42 12.90 0.96
C GLY A 102 -19.94 14.07 1.79
N THR A 103 -21.06 14.63 1.36
CA THR A 103 -21.71 15.76 2.03
C THR A 103 -23.22 15.51 2.13
N VAL A 104 -23.75 15.63 3.35
CA VAL A 104 -25.18 15.43 3.64
C VAL A 104 -25.79 16.60 4.42
N THR A 105 -27.12 16.72 4.30
CA THR A 105 -27.91 17.61 5.16
C THR A 105 -28.57 16.75 6.22
N LEU A 106 -28.07 16.84 7.45
CA LEU A 106 -28.71 16.18 8.58
C LEU A 106 -29.81 17.07 9.13
N THR A 107 -31.04 16.57 9.05
CA THR A 107 -32.20 17.29 9.57
C THR A 107 -32.66 16.65 10.86
N LEU A 108 -32.70 17.47 11.91
CA LEU A 108 -33.06 17.04 13.24
C LEU A 108 -34.53 17.35 13.48
N VAL A 109 -35.31 16.33 13.80
CA VAL A 109 -36.74 16.46 14.06
C VAL A 109 -36.98 16.30 15.57
N PHE A 110 -37.74 17.22 16.15
CA PHE A 110 -38.05 17.21 17.57
C PHE A 110 -39.48 16.72 17.85
N ASN A 111 -39.75 16.33 19.10
CA ASN A 111 -41.09 15.86 19.49
C ASN A 111 -42.11 16.99 19.55
N GLU A 112 -43.39 16.61 19.56
CA GLU A 112 -44.51 17.57 19.55
C GLU A 112 -44.55 18.47 20.79
N ASP A 113 -44.17 17.90 21.94
CA ASP A 113 -44.12 18.62 23.23
C ASP A 113 -43.19 19.82 23.19
N SER A 114 -41.97 19.60 22.72
CA SER A 114 -40.91 20.61 22.70
C SER A 114 -41.26 21.83 21.85
N LYS A 115 -42.12 21.63 20.85
CA LYS A 115 -42.54 22.66 19.88
C LYS A 115 -41.39 23.27 19.06
N ILE A 116 -40.21 22.64 19.11
CA ILE A 116 -39.03 23.10 18.37
C ILE A 116 -39.13 22.59 16.93
N ALA A 117 -39.11 23.53 15.99
CA ALA A 117 -39.13 23.24 14.56
C ALA A 117 -37.84 22.54 14.11
N PRO A 118 -37.90 21.71 13.04
CA PRO A 118 -36.73 20.97 12.56
C PRO A 118 -35.49 21.84 12.27
N ILE A 119 -34.32 21.34 12.67
CA ILE A 119 -33.02 22.01 12.43
C ILE A 119 -32.20 21.19 11.42
N ALA A 120 -31.84 21.83 10.31
CA ALA A 120 -31.01 21.22 9.28
C ALA A 120 -29.57 21.70 9.38
N ILE A 121 -28.65 20.76 9.52
CA ILE A 121 -27.21 21.02 9.56
C ILE A 121 -26.55 20.21 8.45
N THR A 122 -25.89 20.91 7.54
CA THR A 122 -25.10 20.27 6.49
C THR A 122 -23.77 19.80 7.11
N VAL A 123 -23.46 18.53 6.87
CA VAL A 123 -22.22 17.93 7.34
C VAL A 123 -21.40 17.53 6.10
N LYS A 124 -20.17 18.01 6.03
CA LYS A 124 -19.22 17.53 5.03
C LYS A 124 -18.22 16.56 5.67
N ALA A 125 -18.16 15.35 5.13
CA ALA A 125 -17.15 14.36 5.49
C ALA A 125 -16.18 14.21 4.31
N PRO A 126 -14.99 14.85 4.40
CA PRO A 126 -14.10 14.91 3.25
C PRO A 126 -13.41 13.58 3.01
N ALA A 127 -13.07 13.32 1.76
CA ALA A 127 -12.21 12.21 1.38
C ALA A 127 -10.79 12.48 1.88
N ALA A 128 -10.06 11.42 2.22
CA ALA A 128 -8.64 11.54 2.55
C ALA A 128 -7.85 12.03 1.33
N THR A 129 -6.83 12.83 1.57
CA THR A 129 -6.07 13.46 0.48
C THR A 129 -4.55 13.28 0.61
N GLN A 130 -3.83 13.80 -0.40
CA GLN A 130 -2.38 13.69 -0.53
C GLN A 130 -1.63 14.42 0.57
N ASP A 131 -2.12 15.59 0.98
CA ASP A 131 -1.52 16.38 2.07
C ASP A 131 -1.71 15.77 3.46
N GLY A 132 -2.61 14.79 3.56
CA GLY A 132 -2.77 13.95 4.75
C GLY A 132 -1.74 12.84 4.87
N VAL A 133 -0.93 12.65 3.82
CA VAL A 133 0.15 11.66 3.80
C VAL A 133 1.41 12.28 4.41
N THR A 134 1.97 11.61 5.43
CA THR A 134 3.14 12.11 6.17
C THR A 134 4.49 11.74 5.53
N VAL A 135 4.53 10.58 4.86
CA VAL A 135 5.70 10.13 4.10
C VAL A 135 5.93 11.01 2.87
N THR A 136 6.99 11.79 2.90
CA THR A 136 7.35 12.65 1.77
C THR A 136 8.17 11.89 0.74
N GLY A 137 7.80 12.05 -0.53
CA GLY A 137 8.49 11.43 -1.65
C GLY A 137 8.19 9.96 -1.88
N LEU A 138 6.98 9.53 -1.49
CA LEU A 138 6.53 8.16 -1.77
C LEU A 138 6.34 8.01 -3.28
N ASP A 139 7.02 7.00 -3.83
CA ASP A 139 7.12 6.80 -5.27
C ASP A 139 7.34 5.32 -5.62
N LEU A 140 7.11 4.98 -6.89
CA LEU A 140 7.32 3.63 -7.39
C LEU A 140 8.62 3.48 -8.18
N VAL A 141 9.35 2.41 -7.88
CA VAL A 141 10.57 2.00 -8.59
C VAL A 141 10.41 0.54 -9.07
N PRO A 142 11.26 0.07 -10.02
CA PRO A 142 11.22 -1.35 -10.40
C PRO A 142 11.55 -2.30 -9.23
N GLY A 143 10.88 -3.45 -9.22
CA GLY A 143 11.09 -4.46 -8.18
C GLY A 143 12.41 -5.19 -8.30
N VAL A 144 12.82 -5.84 -7.21
CA VAL A 144 14.05 -6.66 -7.19
C VAL A 144 13.80 -8.07 -6.68
N THR A 145 12.54 -8.40 -6.38
CA THR A 145 12.18 -9.75 -5.90
C THR A 145 11.76 -10.69 -7.04
N GLY A 146 11.24 -10.10 -8.12
CA GLY A 146 10.78 -10.85 -9.29
C GLY A 146 10.62 -9.97 -10.50
N VAL A 147 10.22 -10.57 -11.61
CA VAL A 147 9.95 -9.84 -12.85
C VAL A 147 8.50 -9.34 -12.88
N GLY A 148 8.33 -8.13 -13.41
CA GLY A 148 7.01 -7.49 -13.49
C GLY A 148 6.50 -7.04 -12.13
N LYS A 149 7.42 -6.55 -11.31
CA LYS A 149 7.12 -6.12 -9.97
C LYS A 149 7.56 -4.67 -9.75
N THR A 150 6.83 -3.98 -8.89
CA THR A 150 7.15 -2.59 -8.49
C THR A 150 7.35 -2.48 -6.97
N LYS A 151 8.17 -1.50 -6.58
CA LYS A 151 8.62 -1.33 -5.21
C LYS A 151 8.33 0.09 -4.71
N PHE A 152 7.93 0.19 -3.45
CA PHE A 152 7.69 1.49 -2.81
C PHE A 152 8.97 2.11 -2.27
N THR A 153 9.19 3.38 -2.58
CA THR A 153 10.34 4.13 -2.07
C THR A 153 9.92 5.48 -1.48
N ALA A 154 10.69 5.97 -0.51
CA ALA A 154 10.47 7.30 0.09
C ALA A 154 11.80 7.97 0.47
N THR A 155 11.76 9.31 0.50
CA THR A 155 12.89 10.13 0.95
C THR A 155 12.93 10.18 2.48
N ASP A 156 11.85 10.68 3.09
CA ASP A 156 11.69 10.71 4.54
C ASP A 156 10.78 9.61 5.06
N LYS A 157 10.97 9.25 6.33
CA LYS A 157 10.15 8.28 7.03
C LYS A 157 8.72 8.76 7.27
N ILE A 158 7.84 7.82 7.60
CA ILE A 158 6.46 8.10 8.01
C ILE A 158 6.45 8.73 9.42
N LYS A 159 5.33 9.35 9.80
CA LYS A 159 5.09 9.76 11.19
C LYS A 159 4.98 8.51 12.08
N SER A 160 5.60 8.57 13.26
CA SER A 160 5.68 7.43 14.18
C SER A 160 4.30 6.97 14.67
N GLY A 161 3.99 5.71 14.40
CA GLY A 161 2.69 5.11 14.74
C GLY A 161 1.79 4.87 13.53
N HIS A 162 1.99 5.68 12.50
CA HIS A 162 1.25 5.59 11.24
C HIS A 162 1.69 4.41 10.38
N LYS A 163 0.78 3.94 9.53
CA LYS A 163 1.05 2.82 8.62
C LYS A 163 0.51 3.08 7.21
N LEU A 164 1.11 2.42 6.22
CA LEU A 164 0.66 2.48 4.83
C LEU A 164 0.09 1.17 4.34
N TYR A 165 -0.96 1.26 3.54
CA TYR A 165 -1.63 0.12 2.95
C TYR A 165 -1.89 0.42 1.47
N TYR A 166 -1.80 -0.61 0.62
CA TYR A 166 -2.07 -0.44 -0.81
C TYR A 166 -3.20 -1.32 -1.35
N ALA A 167 -3.75 -0.89 -2.47
CA ALA A 167 -4.60 -1.72 -3.31
C ALA A 167 -4.14 -1.59 -4.76
N VAL A 168 -4.07 -2.72 -5.46
CA VAL A 168 -3.75 -2.74 -6.89
C VAL A 168 -4.98 -3.15 -7.72
N ASP A 169 -5.30 -2.32 -8.71
CA ASP A 169 -6.47 -2.52 -9.56
C ASP A 169 -6.31 -1.78 -10.89
N ASP A 170 -7.20 -2.08 -11.83
CA ASP A 170 -7.27 -1.38 -13.12
C ASP A 170 -7.89 0.02 -12.98
N SER A 171 -8.66 0.22 -11.91
CA SER A 171 -9.23 1.52 -11.55
C SER A 171 -8.85 1.91 -10.13
N ALA A 172 -8.66 3.21 -9.90
CA ALA A 172 -8.41 3.77 -8.57
C ALA A 172 -9.52 3.43 -7.57
N VAL A 173 -9.12 2.97 -6.39
CA VAL A 173 -10.04 2.70 -5.28
C VAL A 173 -10.40 4.03 -4.63
N PRO A 174 -11.72 4.36 -4.56
CA PRO A 174 -12.19 5.63 -4.02
C PRO A 174 -11.60 6.00 -2.67
N ALA A 175 -11.25 7.28 -2.52
CA ALA A 175 -10.70 7.82 -1.29
C ALA A 175 -11.74 7.77 -0.17
N PRO A 176 -11.42 7.03 0.93
N PRO A 176 -11.43 7.02 0.92
CA PRO A 176 -12.33 6.94 2.07
CA PRO A 176 -12.40 6.95 2.03
C PRO A 176 -12.36 8.25 2.85
C PRO A 176 -12.34 8.21 2.88
N ALA A 177 -13.42 8.46 3.63
CA ALA A 177 -13.55 9.65 4.47
C ALA A 177 -12.49 9.69 5.56
N VAL A 178 -11.92 10.87 5.77
CA VAL A 178 -10.88 11.09 6.77
C VAL A 178 -11.44 10.75 8.15
N GLY A 179 -10.71 9.91 8.88
CA GLY A 179 -11.10 9.50 10.22
C GLY A 179 -11.76 8.14 10.28
N THR A 180 -12.28 7.65 9.14
CA THR A 180 -12.92 6.32 9.07
C THR A 180 -11.88 5.22 9.24
N THR A 181 -12.27 4.17 9.95
CA THR A 181 -11.42 3.02 10.17
C THR A 181 -11.22 2.25 8.85
N ARG A 182 -9.97 1.83 8.62
CA ARG A 182 -9.52 1.17 7.39
C ARG A 182 -10.44 0.05 6.92
N ASN A 183 -10.75 0.06 5.62
CA ASN A 183 -11.48 -1.03 5.00
C ASN A 183 -10.54 -2.21 4.79
N SER A 184 -10.61 -3.17 5.72
CA SER A 184 -9.82 -4.39 5.72
C SER A 184 -9.78 -5.08 4.35
N THR A 185 -10.96 -5.27 3.76
CA THR A 185 -11.15 -5.88 2.44
C THR A 185 -10.40 -5.13 1.33
N LYS A 186 -10.67 -3.82 1.23
CA LYS A 186 -10.18 -3.00 0.12
C LYS A 186 -8.67 -2.71 0.22
N PHE A 187 -8.22 -2.31 1.41
CA PHE A 187 -6.82 -2.00 1.66
C PHE A 187 -6.19 -3.03 2.62
N ALA A 188 -5.78 -4.16 2.04
CA ALA A 188 -5.34 -5.34 2.81
C ALA A 188 -3.81 -5.56 2.84
N ASN A 189 -3.07 -4.78 2.06
CA ASN A 189 -1.64 -5.01 1.87
C ASN A 189 -0.77 -3.92 2.46
N GLU A 190 -0.20 -4.20 3.63
CA GLU A 190 0.63 -3.25 4.38
C GLU A 190 1.99 -3.02 3.71
N ILE A 191 2.37 -1.75 3.60
CA ILE A 191 3.62 -1.35 2.95
C ILE A 191 4.75 -1.15 3.96
N THR A 192 5.76 -2.00 3.86
CA THR A 192 7.08 -1.74 4.43
C THR A 192 7.87 -1.06 3.32
N VAL A 193 8.17 0.22 3.51
CA VAL A 193 8.78 1.07 2.49
C VAL A 193 10.20 0.62 2.19
N GLY A 194 10.51 0.53 0.89
CA GLY A 194 11.81 0.06 0.42
C GLY A 194 12.01 -1.44 0.49
N THR A 195 10.91 -2.17 0.74
CA THR A 195 10.94 -3.63 0.89
C THR A 195 9.78 -4.29 0.15
N THR A 196 8.57 -3.80 0.39
CA THR A 196 7.33 -4.38 -0.15
C THR A 196 7.20 -4.15 -1.65
N GLU A 197 6.76 -5.19 -2.35
CA GLU A 197 6.63 -5.18 -3.80
C GLU A 197 5.27 -5.67 -4.30
N VAL A 198 4.83 -5.08 -5.41
CA VAL A 198 3.53 -5.37 -6.00
C VAL A 198 3.70 -5.95 -7.40
N ALA A 199 3.06 -7.08 -7.65
CA ALA A 199 2.88 -7.59 -9.00
C ALA A 199 1.75 -6.78 -9.65
N ALA A 200 2.08 -6.10 -10.74
CA ALA A 200 1.13 -5.22 -11.44
C ALA A 200 1.40 -5.17 -12.95
N ASN A 201 0.37 -4.73 -13.69
CA ASN A 201 0.50 -4.45 -15.12
C ASN A 201 0.70 -2.95 -15.32
N ALA A 202 1.38 -2.59 -16.41
CA ALA A 202 1.49 -1.19 -16.81
C ALA A 202 0.09 -0.64 -17.10
N GLY A 203 -0.16 0.57 -16.63
CA GLY A 203 -1.47 1.21 -16.77
C GLY A 203 -2.37 1.08 -15.55
N GLN A 204 -2.16 0.03 -14.76
CA GLN A 204 -2.90 -0.18 -13.50
C GLN A 204 -2.65 0.95 -12.50
N ILE A 205 -3.54 1.06 -11.52
CA ILE A 205 -3.44 2.09 -10.48
C ILE A 205 -3.18 1.44 -9.13
N ILE A 206 -2.14 1.91 -8.45
CA ILE A 206 -1.88 1.53 -7.06
C ILE A 206 -2.41 2.63 -6.14
N THR A 207 -3.41 2.26 -5.34
CA THR A 207 -4.11 3.16 -4.45
C THR A 207 -3.63 2.93 -3.03
N VAL A 208 -2.97 3.96 -2.47
CA VAL A 208 -2.36 3.89 -1.14
C VAL A 208 -3.11 4.78 -0.16
N ILE A 209 -3.44 4.22 1.00
CA ILE A 209 -3.97 5.01 2.12
C ILE A 209 -3.03 4.97 3.32
N GLU A 210 -2.96 6.10 4.02
CA GLU A 210 -2.24 6.15 5.29
C GLU A 210 -3.21 6.12 6.46
N VAL A 211 -2.92 5.24 7.41
CA VAL A 211 -3.70 5.13 8.64
C VAL A 211 -2.86 5.63 9.84
N ASP A 212 -3.53 5.93 10.96
CA ASP A 212 -2.85 6.33 12.19
C ASP A 212 -2.49 5.13 13.09
N SER A 213 -2.31 5.39 14.38
CA SER A 213 -2.05 4.35 15.39
C SER A 213 -3.29 3.47 15.62
N SER A 214 -4.47 4.06 15.42
CA SER A 214 -5.76 3.43 15.68
C SER A 214 -6.47 2.94 14.40
N ASP A 215 -5.68 2.74 13.34
CA ASP A 215 -6.13 2.19 12.04
C ASP A 215 -7.17 3.04 11.28
N ARG A 216 -7.10 4.36 11.46
CA ARG A 216 -8.05 5.28 10.83
C ARG A 216 -7.41 6.07 9.69
N VAL A 217 -8.13 6.17 8.57
CA VAL A 217 -7.61 6.74 7.32
C VAL A 217 -7.34 8.24 7.44
N VAL A 218 -6.07 8.62 7.26
CA VAL A 218 -5.62 10.02 7.32
C VAL A 218 -5.06 10.53 5.98
N GLY A 219 -4.47 9.63 5.20
CA GLY A 219 -3.83 9.98 3.93
C GLY A 219 -4.28 9.13 2.77
N TYR A 220 -4.08 9.65 1.55
CA TYR A 220 -4.48 8.99 0.31
C TYR A 220 -3.66 9.49 -0.87
N LYS A 221 -3.07 8.55 -1.62
CA LYS A 221 -2.28 8.84 -2.81
C LYS A 221 -2.46 7.73 -3.83
N THR A 222 -2.54 8.13 -5.11
CA THR A 222 -2.62 7.17 -6.22
C THR A 222 -1.40 7.26 -7.15
N PHE A 223 -0.95 6.09 -7.59
CA PHE A 223 0.11 5.98 -8.60
C PHE A 223 -0.40 5.22 -9.82
N THR A 224 -0.13 5.76 -11.01
CA THR A 224 -0.37 5.04 -12.26
C THR A 224 0.91 4.29 -12.61
N VAL A 225 0.82 2.97 -12.62
CA VAL A 225 1.99 2.12 -12.90
C VAL A 225 2.35 2.21 -14.38
N GLU A 226 3.58 2.67 -14.63
CA GLU A 226 4.14 2.76 -15.97
C GLU A 226 5.15 1.65 -16.15
N ALA A 227 5.40 1.27 -17.41
CA ALA A 227 6.41 0.24 -17.74
C ALA A 227 7.78 0.53 -17.12
N ALA A 228 8.10 1.82 -17.00
CA ALA A 228 9.30 2.31 -16.32
C ALA A 228 9.37 1.92 -14.84
N ASP A 229 8.20 1.82 -14.19
CA ASP A 229 8.10 1.48 -12.77
C ASP A 229 8.15 -0.04 -12.51
N LEU A 230 8.00 -0.83 -13.58
CA LEU A 230 7.98 -2.29 -13.49
C LEU A 230 9.33 -2.93 -13.80
N SER A 231 9.57 -4.10 -13.22
CA SER A 231 10.85 -4.80 -13.35
C SER A 231 10.90 -5.69 -14.59
N VAL A 232 12.12 -5.84 -15.13
CA VAL A 232 12.38 -6.74 -16.27
C VAL A 232 13.55 -7.69 -15.98
N ALA A 233 13.58 -8.81 -16.70
CA ALA A 233 14.66 -9.78 -16.61
C ALA A 233 16.01 -9.18 -16.99
N ALA A 234 17.09 -9.80 -16.50
CA ALA A 234 18.45 -9.38 -16.80
C ALA A 234 18.78 -9.54 -18.29
N ASP A 235 19.40 -8.52 -18.85
CA ASP A 235 19.61 -8.42 -20.30
C ASP A 235 21.04 -8.76 -20.71
N LYS A 236 21.28 -8.71 -22.02
CA LYS A 236 22.65 -8.63 -22.57
C LYS A 236 23.26 -7.23 -22.39
N THR A 237 22.40 -6.24 -22.09
CA THR A 237 22.79 -4.87 -21.79
C THR A 237 23.70 -4.78 -20.56
N GLY A 238 23.38 -5.56 -19.53
CA GLY A 238 24.19 -5.61 -18.30
C GLY A 238 25.34 -6.60 -18.36
N PHE A 239 25.37 -7.39 -19.43
CA PHE A 239 26.38 -8.41 -19.66
C PHE A 239 27.53 -7.76 -20.44
N THR A 240 28.70 -7.66 -19.79
CA THR A 240 29.88 -7.04 -20.42
C THR A 240 30.88 -8.06 -20.93
N ALA A 241 31.07 -9.14 -20.18
CA ALA A 241 32.02 -10.20 -20.53
C ALA A 241 31.60 -10.97 -21.77
N THR A 242 32.60 -11.43 -22.52
CA THR A 242 32.39 -12.35 -23.63
C THR A 242 32.89 -13.74 -23.23
N VAL A 243 31.98 -14.71 -23.30
CA VAL A 243 32.25 -16.09 -22.90
C VAL A 243 32.23 -16.99 -24.13
N THR A 244 33.35 -17.69 -24.34
CA THR A 244 33.46 -18.66 -25.44
C THR A 244 33.52 -20.09 -24.87
N PRO A 245 32.42 -20.87 -25.02
CA PRO A 245 32.51 -22.32 -24.80
C PRO A 245 33.58 -22.93 -25.69
N THR A 246 34.42 -23.76 -25.09
CA THR A 246 35.63 -24.27 -25.74
C THR A 246 35.77 -25.78 -25.52
N GLY A 247 36.09 -26.50 -26.60
CA GLY A 247 36.30 -27.94 -26.55
C GLY A 247 37.64 -28.38 -27.11
N GLY A 248 37.62 -29.49 -27.84
CA GLY A 248 38.82 -30.08 -28.40
C GLY A 248 39.59 -30.93 -27.41
N ASN A 249 40.85 -31.20 -27.75
CA ASN A 249 41.73 -32.06 -26.95
C ASN A 249 42.24 -31.42 -25.65
N GLN A 250 42.05 -30.11 -25.51
CA GLN A 250 42.49 -29.38 -24.31
C GLN A 250 41.52 -29.49 -23.14
N VAL A 251 40.26 -29.79 -23.44
CA VAL A 251 39.18 -29.86 -22.44
C VAL A 251 38.72 -31.32 -22.28
N THR A 252 38.34 -31.68 -21.05
CA THR A 252 37.86 -33.03 -20.69
C THR A 252 36.58 -33.40 -21.47
N THR A 253 36.46 -34.68 -21.80
CA THR A 253 35.32 -35.20 -22.58
C THR A 253 33.99 -34.93 -21.89
N GLY A 254 33.00 -34.51 -22.69
CA GLY A 254 31.67 -34.18 -22.21
C GLY A 254 31.60 -32.90 -21.40
N LYS A 255 32.67 -32.11 -21.46
CA LYS A 255 32.77 -30.85 -20.74
C LYS A 255 33.21 -29.72 -21.66
N THR A 256 32.60 -28.56 -21.48
CA THR A 256 33.00 -27.35 -22.20
C THR A 256 33.75 -26.38 -21.29
N LEU A 257 34.82 -25.80 -21.81
CA LEU A 257 35.54 -24.75 -21.10
C LEU A 257 34.90 -23.40 -21.42
N LEU A 258 34.33 -22.79 -20.38
CA LEU A 258 33.73 -21.46 -20.51
C LEU A 258 34.82 -20.41 -20.35
N ALA A 259 35.51 -20.14 -21.45
CA ALA A 259 36.60 -19.17 -21.50
C ALA A 259 36.05 -17.75 -21.41
N VAL A 260 36.51 -17.03 -20.39
CA VAL A 260 35.97 -15.70 -20.07
C VAL A 260 36.93 -14.58 -20.49
N SER A 261 36.39 -13.62 -21.23
CA SER A 261 37.11 -12.43 -21.65
C SER A 261 36.47 -11.18 -21.06
N ASP A 262 37.32 -10.25 -20.64
CA ASP A 262 36.97 -8.91 -20.08
C ASP A 262 35.56 -8.63 -19.51
N LEU A 263 35.42 -8.92 -18.21
CA LEU A 263 34.32 -8.38 -17.41
C LEU A 263 34.83 -7.15 -16.65
N ALA A 264 33.91 -6.28 -16.24
CA ALA A 264 34.27 -5.08 -15.46
C ALA A 264 34.88 -5.45 -14.09
N ASN A 265 35.77 -4.58 -13.61
CA ASN A 265 36.67 -4.84 -12.47
C ASN A 265 36.19 -5.76 -11.34
N GLY A 266 34.99 -5.48 -10.83
CA GLY A 266 34.44 -6.21 -9.67
C GLY A 266 33.31 -7.16 -9.99
N HIS A 267 33.06 -7.40 -11.28
CA HIS A 267 32.01 -8.30 -11.74
C HIS A 267 32.38 -9.77 -11.56
N LYS A 268 31.35 -10.58 -11.34
CA LYS A 268 31.47 -12.03 -11.28
C LYS A 268 30.48 -12.70 -12.24
N LEU A 269 30.80 -13.92 -12.66
CA LEU A 269 29.95 -14.70 -13.57
C LEU A 269 29.60 -16.05 -12.99
N TYR A 270 28.32 -16.41 -13.10
CA TYR A 270 27.80 -17.67 -12.58
C TYR A 270 26.99 -18.38 -13.64
N ALA A 271 27.32 -19.65 -13.87
CA ALA A 271 26.66 -20.47 -14.88
C ALA A 271 25.70 -21.45 -14.24
N ALA A 272 24.57 -21.66 -14.90
CA ALA A 272 23.63 -22.70 -14.53
C ALA A 272 24.04 -23.99 -15.23
N ALA A 273 23.75 -25.12 -14.58
CA ALA A 273 24.01 -26.45 -15.14
C ALA A 273 23.36 -26.61 -16.51
N ALA A 274 24.07 -27.25 -17.43
CA ALA A 274 23.58 -27.51 -18.77
C ALA A 274 22.31 -28.36 -18.74
N GLY A 275 21.26 -27.85 -19.40
CA GLY A 275 19.97 -28.51 -19.49
C GLY A 275 19.33 -28.31 -20.85
N SER A 276 18.22 -29.02 -21.10
CA SER A 276 17.54 -29.04 -22.41
C SER A 276 17.03 -27.67 -22.89
N SER A 277 16.56 -26.84 -21.96
CA SER A 277 16.24 -25.44 -22.25
C SER A 277 16.90 -24.50 -21.24
N ALA A 278 16.93 -23.21 -21.58
CA ALA A 278 17.60 -22.16 -20.79
C ALA A 278 17.09 -22.04 -19.36
N ALA A 279 17.97 -21.59 -18.46
CA ALA A 279 17.58 -21.26 -17.10
C ALA A 279 16.86 -19.90 -17.05
N ALA A 280 15.89 -19.78 -16.15
CA ALA A 280 15.08 -18.57 -15.99
C ALA A 280 15.92 -17.35 -15.65
N ALA A 281 15.80 -16.31 -16.46
CA ALA A 281 16.55 -15.06 -16.28
C ALA A 281 16.07 -14.31 -15.03
N PRO A 282 16.96 -14.13 -14.03
CA PRO A 282 16.57 -13.43 -12.80
C PRO A 282 16.33 -11.95 -13.06
N VAL A 283 15.49 -11.34 -12.22
CA VAL A 283 15.21 -9.90 -12.31
C VAL A 283 16.49 -9.08 -12.15
N LYS A 284 16.64 -8.07 -13.00
CA LYS A 284 17.70 -7.08 -12.90
C LYS A 284 17.68 -6.43 -11.51
N GLY A 285 18.74 -6.66 -10.75
CA GLY A 285 18.88 -6.09 -9.41
C GLY A 285 18.79 -7.04 -8.23
N ILE A 286 18.26 -8.25 -8.44
CA ILE A 286 18.17 -9.27 -7.37
C ILE A 286 19.56 -9.66 -6.87
N ALA A 287 19.67 -9.92 -5.57
CA ALA A 287 20.91 -10.42 -4.98
C ALA A 287 21.14 -11.84 -5.46
N TYR A 288 22.40 -12.16 -5.78
CA TYR A 288 22.80 -13.52 -6.17
C TYR A 288 22.47 -14.54 -5.06
N THR A 289 22.61 -14.10 -3.82
CA THR A 289 22.37 -14.92 -2.63
C THR A 289 20.91 -15.41 -2.48
N ASP A 290 19.99 -14.87 -3.29
CA ASP A 290 18.61 -15.36 -3.34
C ASP A 290 18.58 -16.84 -3.69
N THR A 291 17.77 -17.59 -2.94
CA THR A 291 17.79 -19.05 -2.95
C THR A 291 17.68 -19.69 -4.34
N THR A 292 16.71 -19.27 -5.14
CA THR A 292 16.56 -19.80 -6.50
C THR A 292 17.72 -19.38 -7.42
N VAL A 293 18.23 -18.16 -7.25
CA VAL A 293 19.35 -17.65 -8.04
C VAL A 293 20.66 -18.41 -7.71
N ARG A 294 20.99 -18.50 -6.43
CA ARG A 294 22.20 -19.19 -5.99
C ARG A 294 22.19 -20.72 -6.23
N THR A 295 20.99 -21.32 -6.29
CA THR A 295 20.85 -22.76 -6.57
C THR A 295 20.86 -23.10 -8.06
N THR A 296 20.22 -22.25 -8.87
CA THR A 296 20.22 -22.43 -10.32
C THR A 296 21.61 -22.10 -10.89
N TYR A 297 22.16 -20.95 -10.50
CA TYR A 297 23.46 -20.50 -10.99
C TYR A 297 24.56 -20.77 -9.96
N GLY A 298 24.63 -22.02 -9.51
CA GLY A 298 25.51 -22.47 -8.43
C GLY A 298 26.99 -22.61 -8.74
N THR A 299 27.34 -22.52 -10.03
CA THR A 299 28.73 -22.66 -10.48
C THR A 299 29.30 -21.31 -10.90
N GLU A 300 30.30 -20.83 -10.16
CA GLU A 300 31.01 -19.60 -10.53
C GLU A 300 31.98 -19.90 -11.66
N VAL A 301 31.84 -19.14 -12.74
CA VAL A 301 32.68 -19.29 -13.93
C VAL A 301 33.46 -17.99 -14.23
N THR A 302 33.77 -17.23 -13.18
CA THR A 302 34.39 -15.90 -13.30
C THR A 302 35.83 -15.95 -13.83
N SER A 303 36.61 -16.91 -13.31
CA SER A 303 38.04 -17.04 -13.62
C SER A 303 38.38 -17.20 -15.11
N GLY A 304 37.49 -17.85 -15.86
CA GLY A 304 37.74 -18.19 -17.26
C GLY A 304 38.30 -19.59 -17.44
N THR A 305 38.66 -20.23 -16.32
CA THR A 305 39.33 -21.53 -16.32
C THR A 305 38.39 -22.71 -15.96
N VAL A 306 37.13 -22.39 -15.67
CA VAL A 306 36.16 -23.42 -15.24
C VAL A 306 35.60 -24.14 -16.46
N GLU A 307 35.60 -25.48 -16.38
CA GLU A 307 34.95 -26.32 -17.38
C GLU A 307 33.82 -27.13 -16.76
N VAL A 308 32.64 -27.01 -17.38
CA VAL A 308 31.40 -27.59 -16.86
C VAL A 308 30.87 -28.66 -17.81
N ASP A 309 29.99 -29.54 -17.30
CA ASP A 309 29.33 -30.56 -18.11
C ASP A 309 28.52 -29.95 -19.25
N ALA A 310 28.52 -30.64 -20.40
CA ALA A 310 27.80 -30.22 -21.61
C ALA A 310 27.46 -31.38 -22.54
N GLN A 311 26.25 -31.34 -23.09
CA GLN A 311 25.85 -32.19 -24.21
C GLN A 311 25.51 -31.30 -25.41
N ASP A 312 25.24 -31.91 -26.57
CA ASP A 312 25.13 -31.16 -27.84
C ASP A 312 24.01 -30.12 -27.89
N GLY A 313 22.75 -30.55 -27.86
CA GLY A 313 21.60 -29.64 -27.91
C GLY A 313 21.43 -28.68 -26.73
N GLN A 314 22.02 -29.03 -25.58
CA GLN A 314 21.81 -28.34 -24.29
C GLN A 314 22.20 -26.86 -24.25
N HIS A 315 21.56 -26.13 -23.33
CA HIS A 315 21.80 -24.70 -23.09
C HIS A 315 22.55 -24.46 -21.80
N ILE A 316 23.47 -23.47 -21.80
CA ILE A 316 24.09 -22.96 -20.59
C ILE A 316 23.79 -21.48 -20.48
N SER A 317 23.02 -21.12 -19.45
CA SER A 317 22.70 -19.74 -19.13
C SER A 317 23.69 -19.22 -18.10
N ILE A 318 24.19 -18.01 -18.33
CA ILE A 318 25.18 -17.39 -17.44
C ILE A 318 24.70 -16.01 -16.98
N ILE A 319 24.78 -15.76 -15.68
CA ILE A 319 24.43 -14.45 -15.10
C ILE A 319 25.67 -13.67 -14.68
N GLU A 320 25.62 -12.36 -14.94
CA GLU A 320 26.69 -11.46 -14.54
C GLU A 320 26.29 -10.69 -13.29
N VAL A 321 27.01 -10.95 -12.21
CA VAL A 321 26.78 -10.32 -10.91
C VAL A 321 27.82 -9.21 -10.74
N ASP A 322 27.43 -8.08 -10.14
CA ASP A 322 28.33 -6.94 -9.96
C ASP A 322 29.12 -6.98 -8.64
N GLU A 323 29.76 -5.85 -8.32
CA GLU A 323 30.58 -5.65 -7.13
C GLU A 323 29.79 -5.81 -5.81
N ASN A 324 28.53 -5.38 -5.84
CA ASN A 324 27.65 -5.38 -4.67
C ASN A 324 27.01 -6.74 -4.38
N GLY A 325 26.95 -7.59 -5.40
CA GLY A 325 26.32 -8.91 -5.29
C GLY A 325 24.95 -8.96 -5.94
N LYS A 326 24.75 -8.07 -6.92
CA LYS A 326 23.47 -7.93 -7.62
C LYS A 326 23.58 -8.41 -9.07
N VAL A 327 22.55 -9.13 -9.52
CA VAL A 327 22.45 -9.63 -10.90
C VAL A 327 22.27 -8.44 -11.86
N VAL A 328 23.16 -8.35 -12.84
CA VAL A 328 23.18 -7.23 -13.81
C VAL A 328 22.94 -7.73 -15.25
N GLY A 329 23.67 -8.78 -15.64
CA GLY A 329 23.57 -9.34 -16.98
C GLY A 329 23.13 -10.79 -17.06
N TYR A 330 22.60 -11.18 -18.22
CA TYR A 330 22.21 -12.56 -18.54
C TYR A 330 22.34 -12.82 -20.03
N LYS A 331 22.92 -13.97 -20.37
CA LYS A 331 22.93 -14.47 -21.74
C LYS A 331 22.90 -16.00 -21.74
N ASP A 332 22.14 -16.56 -22.68
CA ASP A 332 22.01 -18.01 -22.85
C ASP A 332 22.81 -18.51 -24.05
N TYR A 333 23.59 -19.57 -23.82
CA TYR A 333 24.46 -20.14 -24.83
C TYR A 333 24.04 -21.57 -25.18
N THR A 334 23.72 -21.78 -26.45
CA THR A 334 23.52 -23.13 -26.99
C THR A 334 24.89 -23.70 -27.37
N ILE A 335 25.15 -24.91 -26.89
CA ILE A 335 26.45 -25.57 -27.04
C ILE A 335 26.49 -26.40 -28.33
N THR A 336 27.65 -26.50 -28.96
CA THR A 336 27.86 -27.35 -30.13
C THR A 336 28.92 -28.42 -29.86
N GLY A 337 28.87 -29.51 -30.61
CA GLY A 337 29.83 -30.62 -30.52
C GLY A 337 31.28 -30.19 -30.62
N ILE A 338 31.53 -29.15 -31.42
CA ILE A 338 32.86 -28.57 -31.63
C ILE A 338 33.44 -27.97 -30.34
N GLN A 339 32.58 -27.34 -29.55
CA GLN A 339 33.00 -26.73 -28.28
C GLN A 339 32.84 -27.63 -27.05
N ILE A 340 32.61 -28.93 -27.28
CA ILE A 340 32.66 -29.94 -26.22
C ILE A 340 34.02 -30.65 -26.28
N GLY A 341 34.63 -30.88 -25.11
CA GLY A 341 35.96 -31.48 -24.99
C GLY A 341 36.06 -32.96 -25.32
N THR A 342 37.29 -33.46 -25.42
CA THR A 342 37.59 -34.86 -25.84
C THR A 342 38.77 -35.53 -25.10
N LYS A 343 39.49 -34.76 -24.26
CA LYS A 343 40.66 -35.25 -23.48
C LYS A 343 40.35 -36.40 -22.50
N SER A 344 41.38 -37.21 -22.21
CA SER A 344 41.32 -38.35 -21.28
C SER A 344 40.78 -37.96 -19.89
N ALA A 345 40.03 -38.90 -19.30
CA ALA A 345 39.17 -38.63 -18.15
C ALA A 345 39.89 -38.43 -16.82
N SER A 346 39.45 -37.37 -16.12
CA SER A 346 39.78 -37.06 -14.71
C SER A 346 41.27 -37.10 -14.32
OS OS B . 30.00 -2.53 -11.96
OS OS C . -1.00 10.20 14.49
CA CA D . -21.29 15.72 32.42
#